data_5F0G
#
_entry.id   5F0G
#
_cell.length_a   47.500
_cell.length_b   87.500
_cell.length_c   53.200
_cell.angle_alpha   90.00
_cell.angle_beta   113.90
_cell.angle_gamma   90.00
#
_symmetry.space_group_name_H-M   'P 1 21 1'
#
loop_
_entity.id
_entity.type
_entity.pdbx_description
1 polymer 'Glutathione S-transferase D2'
2 non-polymer 'SODIUM ION'
3 non-polymer 'POTASSIUM ION'
4 water water
#
_entity_poly.entity_id   1
_entity_poly.type   'polypeptide(L)'
_entity_poly.pdbx_seq_one_letter_code
;MDFYYMPGGGGCRTVIMVAKALGLELNKKLLNTMEGEQLKPEFVKLNPQHTIPTLVDNGFSIWESRAIAVYLVEKYGKDD
YLLPNDPKKRAVINQRLYFDMGTLYESFAKYYYPLFRTGKPGSDEDLKRIETAFGFLDTFLEGQEYVAGDQLTVADIAIL
STVSTFEVSEFDFSKYSNVSRWYDNAKKVTPGWDENWEGLMAMKALFDARKLAAK
;
_entity_poly.pdbx_strand_id   A,B
#
loop_
_chem_comp.id
_chem_comp.type
_chem_comp.name
_chem_comp.formula
K non-polymer 'POTASSIUM ION' 'K 1'
NA non-polymer 'SODIUM ION' 'Na 1'
#
# COMPACT_ATOMS: atom_id res chain seq x y z
N MET A 1 11.82 -16.86 -14.06
CA MET A 1 11.11 -15.70 -13.46
C MET A 1 11.03 -14.58 -14.46
N ASP A 2 9.86 -14.37 -15.04
CA ASP A 2 9.70 -13.30 -15.99
C ASP A 2 9.31 -12.02 -15.28
N PHE A 3 10.01 -10.94 -15.62
CA PHE A 3 9.81 -9.64 -14.97
C PHE A 3 9.36 -8.61 -16.01
N TYR A 4 8.08 -8.25 -15.96
CA TYR A 4 7.53 -7.28 -16.88
C TYR A 4 7.64 -5.89 -16.27
N TYR A 5 8.29 -4.98 -16.97
CA TYR A 5 8.80 -3.76 -16.33
C TYR A 5 9.13 -2.65 -17.32
N MET A 6 9.40 -1.47 -16.75
CA MET A 6 10.14 -0.39 -17.40
C MET A 6 11.25 0.05 -16.47
N PRO A 7 12.43 0.28 -17.01
CA PRO A 7 13.57 0.54 -16.13
C PRO A 7 13.45 1.83 -15.32
N GLY A 8 12.67 2.78 -15.79
CA GLY A 8 12.62 4.06 -15.12
C GLY A 8 11.74 4.06 -13.88
N GLY A 9 10.85 3.09 -13.78
CA GLY A 9 9.81 3.13 -12.76
C GLY A 9 10.27 2.82 -11.35
N GLY A 10 9.77 3.57 -10.37
CA GLY A 10 10.16 3.34 -9.00
C GLY A 10 9.83 1.94 -8.52
N GLY A 11 8.62 1.47 -8.85
CA GLY A 11 8.22 0.15 -8.41
C GLY A 11 9.02 -0.94 -9.09
N CYS A 12 9.37 -0.73 -10.35
CA CYS A 12 10.18 -1.72 -11.07
C CYS A 12 11.56 -1.77 -10.44
N ARG A 13 12.11 -0.61 -10.15
CA ARG A 13 13.44 -0.59 -9.56
C ARG A 13 13.48 -1.16 -8.15
N THR A 14 12.40 -1.09 -7.38
CA THR A 14 12.38 -1.73 -6.05
C THR A 14 12.58 -3.24 -6.22
N VAL A 15 11.87 -3.81 -7.16
CA VAL A 15 11.94 -5.24 -7.37
C VAL A 15 13.31 -5.66 -7.85
N ILE A 16 13.89 -4.84 -8.73
CA ILE A 16 15.21 -5.10 -9.28
C ILE A 16 16.23 -5.18 -8.13
N MET A 17 16.17 -4.21 -7.20
CA MET A 17 17.10 -4.19 -6.06
C MET A 17 16.91 -5.38 -5.12
N VAL A 18 15.66 -5.71 -4.80
CA VAL A 18 15.36 -6.85 -3.93
C VAL A 18 15.84 -8.14 -4.59
N ALA A 19 15.61 -8.28 -5.89
CA ALA A 19 16.01 -9.49 -6.59
C ALA A 19 17.54 -9.60 -6.52
N LYS A 20 18.23 -8.49 -6.66
CA LYS A 20 19.71 -8.55 -6.54
C LYS A 20 20.18 -8.90 -5.13
N ALA A 21 19.56 -8.31 -4.10
CA ALA A 21 19.87 -8.59 -2.72
C ALA A 21 19.72 -10.08 -2.43
N LEU A 22 18.76 -10.71 -3.09
CA LEU A 22 18.43 -12.12 -2.85
C LEU A 22 19.16 -13.10 -3.75
N GLY A 23 19.94 -12.58 -4.70
CA GLY A 23 20.65 -13.43 -5.64
C GLY A 23 19.81 -14.03 -6.77
N LEU A 24 18.67 -13.43 -7.04
CA LEU A 24 17.73 -13.96 -8.03
C LEU A 24 17.91 -13.31 -9.40
N GLU A 25 17.98 -14.12 -10.43
CA GLU A 25 18.02 -13.60 -11.79
C GLU A 25 16.60 -13.32 -12.28
N LEU A 26 16.44 -12.19 -12.93
CA LEU A 26 15.18 -11.84 -13.58
C LEU A 26 15.35 -11.91 -15.08
N ASN A 27 14.37 -12.51 -15.75
CA ASN A 27 14.32 -12.45 -17.20
C ASN A 27 13.50 -11.24 -17.53
N LYS A 28 14.19 -10.17 -17.90
CA LYS A 28 13.53 -8.87 -17.99
C LYS A 28 12.78 -8.77 -19.30
N LYS A 29 11.51 -8.40 -19.21
CA LYS A 29 10.68 -8.20 -20.37
C LYS A 29 10.14 -6.78 -20.41
N LEU A 30 10.79 -5.95 -21.20
CA LEU A 30 10.46 -4.51 -21.20
C LEU A 30 9.09 -4.30 -21.84
N LEU A 31 8.17 -3.75 -21.05
CA LEU A 31 6.80 -3.56 -21.45
C LEU A 31 6.49 -2.07 -21.44
N ASN A 32 6.46 -1.48 -22.62
CA ASN A 32 6.42 -0.02 -22.73
C ASN A 32 5.00 0.51 -22.67
N THR A 33 4.64 1.09 -21.53
CA THR A 33 3.26 1.55 -21.33
C THR A 33 2.91 2.77 -22.19
N MET A 34 3.91 3.47 -22.71
CA MET A 34 3.66 4.65 -23.54
C MET A 34 3.18 4.24 -24.92
N GLU A 35 3.27 2.93 -25.19
CA GLU A 35 2.78 2.36 -26.43
C GLU A 35 1.77 1.25 -26.17
N GLY A 36 1.11 1.29 -25.00
CA GLY A 36 0.02 0.37 -24.70
C GLY A 36 0.35 -1.12 -24.75
N GLU A 37 1.63 -1.46 -24.66
CA GLU A 37 2.05 -2.87 -24.74
CA GLU A 37 2.04 -2.85 -24.75
C GLU A 37 1.44 -3.71 -23.64
N GLN A 38 1.13 -3.09 -22.51
CA GLN A 38 0.52 -3.80 -21.41
C GLN A 38 -0.96 -4.11 -21.62
N LEU A 39 -1.59 -3.52 -22.64
CA LEU A 39 -3.00 -3.73 -22.91
C LEU A 39 -3.22 -4.91 -23.83
N LYS A 40 -2.11 -5.47 -24.33
CA LYS A 40 -2.16 -6.60 -25.25
C LYS A 40 -2.78 -7.79 -24.52
N PRO A 41 -3.67 -8.54 -25.19
CA PRO A 41 -4.41 -9.59 -24.48
C PRO A 41 -3.56 -10.65 -23.77
N GLU A 42 -2.35 -10.89 -24.27
CA GLU A 42 -1.47 -11.91 -23.72
C GLU A 42 -1.02 -11.48 -22.34
N PHE A 43 -0.80 -10.18 -22.15
CA PHE A 43 -0.36 -9.69 -20.84
C PHE A 43 -1.55 -9.57 -19.90
N VAL A 44 -2.69 -9.13 -20.41
CA VAL A 44 -3.90 -9.01 -19.60
C VAL A 44 -4.26 -10.37 -18.99
N LYS A 45 -4.01 -11.45 -19.74
CA LYS A 45 -4.29 -12.79 -19.27
C LYS A 45 -3.41 -13.16 -18.06
N LEU A 46 -2.20 -12.62 -18.04
CA LEU A 46 -1.26 -12.81 -16.90
C LEU A 46 -1.60 -11.93 -15.68
N ASN A 47 -2.05 -10.72 -15.97
CA ASN A 47 -2.40 -9.71 -14.97
C ASN A 47 -3.59 -8.91 -15.47
N PRO A 48 -4.77 -9.18 -14.91
CA PRO A 48 -5.98 -8.53 -15.43
C PRO A 48 -5.98 -7.02 -15.19
N GLN A 49 -5.17 -6.55 -14.24
CA GLN A 49 -5.01 -5.13 -14.00
C GLN A 49 -4.01 -4.48 -14.98
N HIS A 50 -3.31 -5.31 -15.73
CA HIS A 50 -2.28 -4.88 -16.70
C HIS A 50 -1.40 -3.71 -16.22
N THR A 51 -0.77 -3.90 -15.07
CA THR A 51 0.15 -2.93 -14.49
C THR A 51 1.54 -3.53 -14.42
N ILE A 52 2.55 -2.67 -14.33
CA ILE A 52 3.93 -3.10 -14.12
C ILE A 52 4.44 -2.44 -12.85
N PRO A 53 5.33 -3.13 -12.13
CA PRO A 53 5.92 -4.44 -12.43
C PRO A 53 4.94 -5.60 -12.24
N THR A 54 5.14 -6.64 -13.03
CA THR A 54 4.48 -7.94 -12.84
C THR A 54 5.56 -8.99 -12.91
N LEU A 55 5.50 -9.93 -12.00
CA LEU A 55 6.46 -10.99 -11.91
C LEU A 55 5.69 -12.25 -12.21
N VAL A 56 6.26 -13.09 -13.06
CA VAL A 56 5.72 -14.44 -13.24
C VAL A 56 6.79 -15.41 -12.86
N ASP A 57 6.52 -16.09 -11.75
CA ASP A 57 7.50 -16.95 -11.13
C ASP A 57 6.98 -18.37 -11.24
N ASN A 58 7.50 -19.12 -12.21
CA ASN A 58 7.10 -20.50 -12.35
C ASN A 58 5.56 -20.65 -12.36
N GLY A 59 4.90 -19.87 -13.22
CA GLY A 59 3.45 -19.92 -13.38
C GLY A 59 2.63 -19.00 -12.47
N PHE A 60 3.25 -18.46 -11.40
CA PHE A 60 2.55 -17.60 -10.44
C PHE A 60 2.74 -16.14 -10.82
N SER A 61 1.64 -15.49 -11.21
N SER A 61 1.65 -15.47 -11.19
CA SER A 61 1.65 -14.06 -11.52
CA SER A 61 1.70 -14.06 -11.55
C SER A 61 1.41 -13.26 -10.25
C SER A 61 1.36 -13.19 -10.36
N ILE A 62 2.25 -12.25 -10.03
CA ILE A 62 2.09 -11.36 -8.89
C ILE A 62 2.50 -9.94 -9.33
N TRP A 63 1.72 -8.95 -8.89
CA TRP A 63 1.98 -7.55 -9.22
C TRP A 63 1.77 -6.70 -7.95
N GLU A 64 1.93 -5.40 -8.10
CA GLU A 64 2.12 -4.43 -7.00
C GLU A 64 3.55 -4.62 -6.50
N SER A 65 4.40 -3.64 -6.79
CA SER A 65 5.83 -3.74 -6.53
C SER A 65 6.17 -4.13 -5.12
N ARG A 66 5.41 -3.64 -4.16
CA ARG A 66 5.74 -3.90 -2.78
C ARG A 66 5.28 -5.28 -2.38
N ALA A 67 4.24 -5.80 -3.03
CA ALA A 67 3.83 -7.16 -2.78
C ALA A 67 4.84 -8.13 -3.42
N ILE A 68 5.34 -7.79 -4.58
CA ILE A 68 6.32 -8.63 -5.26
C ILE A 68 7.56 -8.68 -4.36
N ALA A 69 8.00 -7.52 -3.90
CA ALA A 69 9.21 -7.44 -3.06
C ALA A 69 9.13 -8.32 -1.81
N VAL A 70 8.00 -8.23 -1.11
CA VAL A 70 7.79 -9.03 0.11
C VAL A 70 7.70 -10.52 -0.26
N TYR A 71 7.08 -10.83 -1.40
CA TYR A 71 6.95 -12.22 -1.83
C TYR A 71 8.33 -12.84 -2.08
N LEU A 72 9.19 -12.09 -2.74
CA LEU A 72 10.54 -12.58 -3.05
C LEU A 72 11.29 -12.85 -1.77
N VAL A 73 11.23 -11.92 -0.80
CA VAL A 73 11.93 -12.11 0.46
C VAL A 73 11.35 -13.31 1.25
N GLU A 74 10.04 -13.43 1.34
CA GLU A 74 9.42 -14.50 2.13
C GLU A 74 9.71 -15.87 1.53
N LYS A 75 9.76 -15.93 0.20
CA LYS A 75 9.95 -17.21 -0.45
C LYS A 75 11.42 -17.63 -0.58
N TYR A 76 12.32 -16.66 -0.75
CA TYR A 76 13.69 -16.92 -1.16
C TYR A 76 14.73 -16.40 -0.18
N GLY A 77 14.30 -15.59 0.79
CA GLY A 77 15.21 -15.00 1.73
C GLY A 77 15.69 -16.01 2.76
N LYS A 78 16.95 -15.91 3.13
CA LYS A 78 17.52 -16.79 4.14
C LYS A 78 17.53 -16.08 5.47
N ASP A 79 17.36 -16.82 6.56
CA ASP A 79 17.42 -16.22 7.88
C ASP A 79 16.34 -15.16 8.00
N ASP A 80 16.68 -14.04 8.62
CA ASP A 80 15.75 -12.93 8.77
C ASP A 80 16.07 -11.80 7.80
N TYR A 81 16.82 -12.11 6.74
CA TYR A 81 17.34 -11.07 5.86
C TYR A 81 16.20 -10.29 5.18
N LEU A 82 16.28 -8.96 5.29
CA LEU A 82 15.36 -7.99 4.69
C LEU A 82 13.96 -7.98 5.30
N LEU A 83 13.59 -9.02 6.03
CA LEU A 83 12.26 -9.08 6.64
C LEU A 83 12.26 -10.01 7.85
N PRO A 84 12.46 -9.46 9.06
CA PRO A 84 12.46 -10.26 10.29
C PRO A 84 11.13 -10.96 10.54
N ASN A 85 11.13 -12.01 11.37
CA ASN A 85 9.91 -12.80 11.64
C ASN A 85 8.93 -12.14 12.59
N ASP A 86 9.48 -11.36 13.53
CA ASP A 86 8.74 -10.71 14.58
C ASP A 86 7.52 -9.96 14.00
N PRO A 87 6.29 -10.34 14.40
CA PRO A 87 5.10 -9.61 13.96
C PRO A 87 5.20 -8.11 14.13
N LYS A 88 5.84 -7.64 15.20
CA LYS A 88 5.99 -6.22 15.47
C LYS A 88 6.92 -5.59 14.42
N LYS A 89 8.05 -6.22 14.17
CA LYS A 89 9.00 -5.62 13.22
C LYS A 89 8.43 -5.71 11.80
N ARG A 90 7.70 -6.78 11.52
CA ARG A 90 7.05 -6.89 10.22
C ARG A 90 6.00 -5.82 10.11
N ALA A 91 5.29 -5.53 11.20
CA ALA A 91 4.23 -4.50 11.12
C ALA A 91 4.80 -3.13 10.78
N VAL A 92 5.90 -2.74 11.42
CA VAL A 92 6.51 -1.45 11.17
C VAL A 92 6.97 -1.40 9.70
N ILE A 93 7.56 -2.49 9.21
CA ILE A 93 7.96 -2.55 7.82
C ILE A 93 6.72 -2.32 6.92
N ASN A 94 5.60 -2.98 7.21
CA ASN A 94 4.39 -2.84 6.37
C ASN A 94 3.92 -1.38 6.44
N GLN A 95 3.93 -0.78 7.62
CA GLN A 95 3.50 0.63 7.72
C GLN A 95 4.41 1.48 6.86
N ARG A 96 5.73 1.24 6.90
CA ARG A 96 6.63 2.05 6.05
C ARG A 96 6.38 1.82 4.55
N LEU A 97 6.01 0.60 4.14
CA LEU A 97 5.66 0.34 2.75
C LEU A 97 4.39 1.07 2.33
N TYR A 98 3.39 1.14 3.20
CA TYR A 98 2.16 1.91 2.84
C TYR A 98 2.45 3.39 2.86
N PHE A 99 3.31 3.83 3.78
CA PHE A 99 3.83 5.23 3.75
C PHE A 99 4.47 5.57 2.43
N ASP A 100 5.29 4.65 1.95
CA ASP A 100 6.00 4.86 0.72
C ASP A 100 5.00 5.02 -0.40
N MET A 101 4.03 4.11 -0.46
CA MET A 101 3.04 4.20 -1.55
C MET A 101 2.12 5.41 -1.44
N GLY A 102 1.49 5.59 -0.28
CA GLY A 102 0.34 6.48 -0.16
C GLY A 102 0.71 7.90 0.24
N THR A 103 1.94 8.09 0.74
CA THR A 103 2.37 9.39 1.22
C THR A 103 3.61 9.88 0.47
N LEU A 104 4.70 9.10 0.46
CA LEU A 104 5.95 9.59 -0.08
C LEU A 104 5.91 9.57 -1.62
N TYR A 105 5.72 8.39 -2.20
CA TYR A 105 5.68 8.30 -3.66
C TYR A 105 4.45 9.05 -4.18
N GLU A 106 3.37 9.03 -3.43
CA GLU A 106 2.16 9.74 -3.85
C GLU A 106 2.49 11.21 -4.03
N SER A 107 3.32 11.77 -3.15
CA SER A 107 3.64 13.19 -3.24
C SER A 107 4.55 13.47 -4.44
N PHE A 108 5.37 12.49 -4.82
CA PHE A 108 6.15 12.59 -6.06
C PHE A 108 5.22 12.66 -7.24
N ALA A 109 4.29 11.70 -7.31
CA ALA A 109 3.41 11.58 -8.46
C ALA A 109 2.60 12.85 -8.68
N LYS A 110 2.04 13.42 -7.61
CA LYS A 110 1.15 14.57 -7.75
C LYS A 110 1.89 15.80 -8.21
N TYR A 111 3.14 15.95 -7.79
CA TYR A 111 3.90 17.13 -8.17
C TYR A 111 4.57 16.99 -9.53
N TYR A 112 5.15 15.82 -9.81
CA TYR A 112 6.06 15.72 -10.96
C TYR A 112 5.43 15.16 -12.22
N TYR A 113 4.35 14.39 -12.11
CA TYR A 113 3.80 13.77 -13.31
C TYR A 113 3.32 14.79 -14.35
N PRO A 114 2.71 15.90 -13.91
CA PRO A 114 2.45 16.97 -14.88
C PRO A 114 3.71 17.48 -15.59
N LEU A 115 4.75 17.83 -14.83
CA LEU A 115 6.00 18.32 -15.41
C LEU A 115 6.57 17.33 -16.42
N PRO A 121 2.60 23.85 -12.08
CA PRO A 121 2.53 22.43 -12.46
C PRO A 121 3.85 21.72 -12.17
N GLY A 122 3.97 21.02 -11.04
CA GLY A 122 2.91 20.90 -10.05
C GLY A 122 2.70 22.19 -9.24
N SER A 123 1.62 22.22 -8.46
CA SER A 123 1.26 23.40 -7.68
C SER A 123 2.12 23.56 -6.44
N ASP A 124 2.02 24.72 -5.80
CA ASP A 124 2.79 24.99 -4.60
C ASP A 124 2.31 24.13 -3.43
N GLU A 125 1.01 23.83 -3.38
CA GLU A 125 0.46 22.99 -2.33
C GLU A 125 1.03 21.58 -2.45
N ASP A 126 1.21 21.13 -3.68
CA ASP A 126 1.76 19.80 -3.91
C ASP A 126 3.24 19.73 -3.57
N LEU A 127 3.97 20.84 -3.74
CA LEU A 127 5.35 20.89 -3.29
C LEU A 127 5.41 20.82 -1.78
N LYS A 128 4.50 21.53 -1.14
CA LYS A 128 4.44 21.51 0.31
C LYS A 128 4.18 20.09 0.82
N ARG A 129 3.40 19.34 0.08
CA ARG A 129 3.05 17.97 0.48
C ARG A 129 4.29 17.10 0.44
N ILE A 130 5.19 17.39 -0.51
CA ILE A 130 6.45 16.67 -0.56
C ILE A 130 7.28 16.98 0.67
N GLU A 131 7.39 18.26 1.00
CA GLU A 131 8.16 18.60 2.18
C GLU A 131 7.60 17.91 3.44
N THR A 132 6.28 17.88 3.56
CA THR A 132 5.57 17.27 4.68
C THR A 132 5.91 15.79 4.74
N ALA A 133 5.85 15.14 3.59
CA ALA A 133 6.19 13.72 3.52
C ALA A 133 7.64 13.47 3.94
N PHE A 134 8.57 14.25 3.40
CA PHE A 134 9.95 14.13 3.85
C PHE A 134 10.17 14.44 5.32
N GLY A 135 9.41 15.38 5.86
CA GLY A 135 9.48 15.65 7.30
C GLY A 135 9.15 14.43 8.15
N PHE A 136 8.12 13.70 7.75
CA PHE A 136 7.72 12.50 8.48
C PHE A 136 8.82 11.45 8.35
N LEU A 137 9.37 11.28 7.15
CA LEU A 137 10.42 10.30 6.95
C LEU A 137 11.63 10.65 7.79
N ASP A 138 11.96 11.93 7.84
CA ASP A 138 13.06 12.38 8.70
C ASP A 138 12.83 12.00 10.16
N THR A 139 11.59 12.18 10.65
CA THR A 139 11.30 11.82 12.03
C THR A 139 11.40 10.31 12.25
N PHE A 140 10.91 9.54 11.28
CA PHE A 140 11.02 8.09 11.36
C PHE A 140 12.48 7.67 11.53
N LEU A 141 13.41 8.45 10.96
CA LEU A 141 14.85 8.09 10.96
C LEU A 141 15.61 8.68 12.14
N GLU A 142 14.93 9.42 13.02
CA GLU A 142 15.60 10.04 14.15
C GLU A 142 16.22 8.96 15.01
N GLY A 143 17.54 9.02 15.13
CA GLY A 143 18.23 8.06 15.98
C GLY A 143 18.36 6.66 15.41
N GLN A 144 18.08 6.49 14.12
CA GLN A 144 18.01 5.16 13.51
C GLN A 144 18.74 5.13 12.19
N GLU A 145 19.44 4.02 11.93
CA GLU A 145 20.22 3.89 10.72
C GLU A 145 19.33 3.55 9.52
N TYR A 146 18.28 2.78 9.79
CA TYR A 146 17.38 2.33 8.73
C TYR A 146 15.93 2.70 9.07
N VAL A 147 15.03 2.59 8.10
CA VAL A 147 13.71 3.21 8.25
C VAL A 147 12.84 2.46 9.22
N ALA A 148 13.13 1.18 9.42
CA ALA A 148 12.27 0.38 10.28
C ALA A 148 13.05 -0.43 11.29
N GLY A 149 14.13 0.15 11.79
CA GLY A 149 14.93 -0.51 12.81
C GLY A 149 16.39 -0.28 12.57
N ASP A 150 17.21 -1.27 12.91
CA ASP A 150 18.64 -1.13 12.73
C ASP A 150 19.17 -2.20 11.80
N GLN A 151 18.34 -2.74 10.91
CA GLN A 151 18.88 -3.52 9.81
C GLN A 151 18.20 -3.10 8.52
N LEU A 152 18.89 -3.35 7.41
CA LEU A 152 18.31 -3.11 6.09
C LEU A 152 17.10 -3.96 5.89
N THR A 153 16.01 -3.34 5.45
CA THR A 153 14.82 -4.12 5.13
C THR A 153 14.22 -3.76 3.79
N VAL A 154 13.22 -4.54 3.39
CA VAL A 154 12.49 -4.25 2.16
CA VAL A 154 12.43 -4.28 2.19
C VAL A 154 11.90 -2.85 2.19
N ALA A 155 11.54 -2.34 3.37
CA ALA A 155 11.05 -0.96 3.45
C ALA A 155 12.15 0.04 3.07
N ASP A 156 13.40 -0.19 3.46
CA ASP A 156 14.46 0.73 3.00
C ASP A 156 14.62 0.72 1.51
N ILE A 157 14.50 -0.46 0.93
CA ILE A 157 14.77 -0.62 -0.49
C ILE A 157 13.65 0.08 -1.26
N ALA A 158 12.41 -0.08 -0.81
CA ALA A 158 11.30 0.55 -1.51
C ALA A 158 11.44 2.07 -1.37
N ILE A 159 11.72 2.54 -0.16
CA ILE A 159 11.84 3.99 0.06
C ILE A 159 13.10 4.56 -0.62
N LEU A 160 14.17 3.76 -0.74
CA LEU A 160 15.32 4.17 -1.53
C LEU A 160 14.96 4.38 -3.01
N SER A 161 14.19 3.46 -3.57
CA SER A 161 13.72 3.67 -4.93
C SER A 161 12.99 5.01 -5.06
N THR A 162 12.13 5.34 -4.11
CA THR A 162 11.39 6.58 -4.16
C THR A 162 12.27 7.83 -3.96
N VAL A 163 13.13 7.80 -2.94
CA VAL A 163 13.94 8.97 -2.60
C VAL A 163 14.98 9.23 -3.70
N SER A 164 15.53 8.18 -4.28
CA SER A 164 16.44 8.36 -5.40
C SER A 164 15.72 8.98 -6.62
N THR A 165 14.44 8.68 -6.79
CA THR A 165 13.62 9.27 -7.86
C THR A 165 13.58 10.78 -7.59
N PHE A 166 13.31 11.15 -6.34
CA PHE A 166 13.30 12.58 -5.96
C PHE A 166 14.66 13.24 -6.23
N GLU A 167 15.75 12.58 -5.86
CA GLU A 167 17.08 13.17 -6.06
C GLU A 167 17.32 13.51 -7.53
N VAL A 168 17.05 12.56 -8.41
CA VAL A 168 17.36 12.75 -9.82
C VAL A 168 16.39 13.77 -10.43
N SER A 169 15.22 13.92 -9.84
CA SER A 169 14.28 14.96 -10.23
C SER A 169 14.64 16.32 -9.61
N GLU A 170 15.75 16.36 -8.87
CA GLU A 170 16.33 17.59 -8.31
C GLU A 170 15.48 18.18 -7.18
N PHE A 171 14.74 17.33 -6.47
CA PHE A 171 14.20 17.76 -5.18
C PHE A 171 15.28 17.77 -4.13
N ASP A 172 15.45 18.92 -3.46
CA ASP A 172 16.50 19.09 -2.48
C ASP A 172 16.00 18.69 -1.11
N PHE A 173 16.52 17.57 -0.59
CA PHE A 173 16.17 17.15 0.75
C PHE A 173 17.34 17.27 1.72
N SER A 174 18.29 18.17 1.40
CA SER A 174 19.45 18.35 2.28
C SER A 174 19.08 18.92 3.66
N LYS A 175 17.92 19.56 3.77
CA LYS A 175 17.43 20.11 5.03
C LYS A 175 16.88 19.03 5.94
N TYR A 176 16.64 17.85 5.39
CA TYR A 176 16.20 16.71 6.19
C TYR A 176 17.44 15.89 6.47
N SER A 177 18.04 16.12 7.62
CA SER A 177 19.39 15.62 7.81
C SER A 177 19.41 14.13 8.12
N ASN A 178 18.37 13.59 8.73
CA ASN A 178 18.31 12.15 8.93
C ASN A 178 18.09 11.44 7.60
N VAL A 179 17.17 11.96 6.79
CA VAL A 179 16.94 11.39 5.45
C VAL A 179 18.24 11.41 4.64
N SER A 180 18.92 12.56 4.61
CA SER A 180 20.22 12.68 3.89
C SER A 180 21.30 11.67 4.34
N ARG A 181 21.50 11.56 5.64
CA ARG A 181 22.37 10.55 6.23
C ARG A 181 21.97 9.15 5.81
N TRP A 182 20.70 8.84 6.01
CA TRP A 182 20.18 7.53 5.63
C TRP A 182 20.39 7.20 4.15
N TYR A 183 20.17 8.18 3.28
CA TYR A 183 20.25 8.03 1.84
C TYR A 183 21.69 7.74 1.41
N ASP A 184 22.61 8.48 1.98
CA ASP A 184 24.02 8.29 1.66
C ASP A 184 24.49 6.89 2.08
N ASN A 185 24.04 6.44 3.23
CA ASN A 185 24.33 5.08 3.66
C ASN A 185 23.64 4.03 2.80
N ALA A 186 22.34 4.25 2.52
CA ALA A 186 21.58 3.32 1.70
C ALA A 186 22.24 3.02 0.36
N LYS A 187 22.76 4.04 -0.28
CA LYS A 187 23.41 3.89 -1.56
C LYS A 187 24.62 3.04 -1.52
N LYS A 188 25.27 3.00 -0.40
CA LYS A 188 26.52 2.24 -0.27
C LYS A 188 26.26 0.80 0.14
N VAL A 189 25.18 0.57 0.87
CA VAL A 189 24.91 -0.77 1.40
C VAL A 189 23.80 -1.56 0.71
N THR A 190 23.02 -0.91 -0.16
CA THR A 190 21.93 -1.64 -0.80
C THR A 190 22.33 -2.35 -2.08
N PRO A 191 22.13 -3.67 -2.14
CA PRO A 191 22.39 -4.39 -3.38
C PRO A 191 21.55 -3.86 -4.53
N GLY A 192 22.15 -3.77 -5.71
CA GLY A 192 21.40 -3.40 -6.90
C GLY A 192 21.34 -1.90 -7.11
N TRP A 193 21.97 -1.13 -6.24
CA TRP A 193 22.04 0.33 -6.41
C TRP A 193 22.47 0.69 -7.84
N ASP A 194 23.50 0.01 -8.35
CA ASP A 194 23.99 0.34 -9.69
C ASP A 194 22.89 0.27 -10.77
N GLU A 195 22.04 -0.76 -10.70
CA GLU A 195 20.93 -0.91 -11.65
C GLU A 195 19.81 0.10 -11.43
N ASN A 196 19.56 0.43 -10.18
CA ASN A 196 18.62 1.49 -9.85
C ASN A 196 19.04 2.82 -10.49
N TRP A 197 20.32 3.15 -10.31
CA TRP A 197 20.88 4.38 -10.84
C TRP A 197 20.79 4.40 -12.36
N GLU A 198 21.14 3.29 -12.98
CA GLU A 198 21.04 3.18 -14.41
C GLU A 198 19.61 3.47 -14.88
N GLY A 199 18.62 2.90 -14.20
CA GLY A 199 17.23 3.21 -14.51
C GLY A 199 16.91 4.67 -14.35
N LEU A 200 17.44 5.29 -13.29
CA LEU A 200 17.18 6.71 -13.05
C LEU A 200 17.85 7.57 -14.09
N MET A 201 19.05 7.20 -14.51
CA MET A 201 19.82 8.14 -15.26
C MET A 201 19.40 8.22 -16.70
N ALA A 202 18.87 7.14 -17.22
CA ALA A 202 18.17 7.23 -18.48
C ALA A 202 17.00 8.17 -18.28
N MET A 203 16.26 7.99 -17.19
CA MET A 203 15.10 8.86 -16.85
C MET A 203 15.47 10.34 -16.92
N LYS A 204 16.54 10.71 -16.24
CA LYS A 204 17.03 12.08 -16.30
C LYS A 204 17.34 12.48 -17.74
N ALA A 205 18.24 11.73 -18.37
CA ALA A 205 18.66 12.01 -19.75
C ALA A 205 17.47 12.15 -20.68
N LEU A 206 16.45 11.32 -20.47
CA LEU A 206 15.21 11.36 -21.27
C LEU A 206 14.46 12.65 -21.03
N PHE A 207 14.20 12.92 -19.75
CA PHE A 207 13.51 14.14 -19.35
C PHE A 207 14.24 15.38 -19.86
N ASP A 208 15.57 15.39 -19.71
CA ASP A 208 16.36 16.55 -20.11
C ASP A 208 16.25 16.80 -21.60
N ALA A 209 16.29 15.73 -22.39
CA ALA A 209 16.24 15.83 -23.84
C ALA A 209 14.86 16.31 -24.34
N ARG A 210 13.79 15.85 -23.69
CA ARG A 210 12.43 16.28 -24.04
C ARG A 210 12.22 17.77 -23.72
N LYS A 211 12.81 18.21 -22.61
CA LYS A 211 12.77 19.61 -22.21
C LYS A 211 13.51 20.52 -23.22
N LEU A 212 14.39 19.91 -24.02
CA LEU A 212 15.22 20.58 -25.03
C LEU A 212 16.38 21.32 -24.38
N MET B 1 -6.04 -2.96 24.32
CA MET B 1 -5.27 -2.18 23.33
C MET B 1 -6.07 -0.94 22.95
N ASP B 2 -5.36 0.18 22.83
CA ASP B 2 -6.00 1.47 22.58
C ASP B 2 -6.10 1.68 21.08
N PHE B 3 -7.27 2.16 20.63
CA PHE B 3 -7.58 2.34 19.21
C PHE B 3 -7.99 3.79 18.95
N TYR B 4 -7.07 4.56 18.37
CA TYR B 4 -7.27 5.98 18.07
C TYR B 4 -7.94 6.03 16.68
N TYR B 5 -9.08 6.69 16.54
CA TYR B 5 -9.93 6.42 15.40
C TYR B 5 -11.03 7.47 15.22
N MET B 6 -11.68 7.42 14.07
CA MET B 6 -12.97 8.04 13.84
C MET B 6 -13.86 6.94 13.26
N PRO B 7 -15.11 6.87 13.69
CA PRO B 7 -15.93 5.71 13.29
C PRO B 7 -16.32 5.65 11.81
N GLY B 8 -16.29 6.76 11.10
CA GLY B 8 -16.75 6.79 9.71
C GLY B 8 -15.69 6.36 8.70
N GLY B 9 -14.42 6.43 9.09
CA GLY B 9 -13.33 6.21 8.16
C GLY B 9 -13.13 4.76 7.74
N GLY B 10 -12.82 4.53 6.47
CA GLY B 10 -12.70 3.17 5.96
C GLY B 10 -11.59 2.40 6.65
N GLY B 11 -10.46 3.04 6.86
CA GLY B 11 -9.33 2.39 7.52
C GLY B 11 -9.68 2.01 8.93
N CYS B 12 -10.40 2.92 9.59
CA CYS B 12 -10.80 2.64 10.97
C CYS B 12 -11.77 1.47 11.02
N ARG B 13 -12.70 1.43 10.08
CA ARG B 13 -13.71 0.37 10.02
C ARG B 13 -13.08 -0.97 9.68
N THR B 14 -12.03 -0.99 8.87
CA THR B 14 -11.32 -2.23 8.59
C THR B 14 -10.78 -2.87 9.88
N VAL B 15 -10.10 -2.07 10.69
CA VAL B 15 -9.50 -2.55 11.93
C VAL B 15 -10.59 -3.00 12.90
N ILE B 16 -11.69 -2.26 12.95
CA ILE B 16 -12.79 -2.63 13.82
C ILE B 16 -13.30 -4.05 13.48
N MET B 17 -13.53 -4.31 12.19
CA MET B 17 -14.00 -5.62 11.76
C MET B 17 -12.97 -6.70 12.01
N VAL B 18 -11.70 -6.43 11.78
CA VAL B 18 -10.67 -7.43 12.03
C VAL B 18 -10.60 -7.78 13.51
N ALA B 19 -10.63 -6.77 14.35
CA ALA B 19 -10.55 -7.00 15.79
C ALA B 19 -11.75 -7.83 16.25
N LYS B 20 -12.94 -7.52 15.73
CA LYS B 20 -14.16 -8.27 16.09
C LYS B 20 -14.02 -9.71 15.65
N ALA B 21 -13.44 -9.91 14.49
CA ALA B 21 -13.28 -11.26 13.96
C ALA B 21 -12.35 -12.10 14.82
N LEU B 22 -11.32 -11.45 15.37
CA LEU B 22 -10.31 -12.10 16.22
C LEU B 22 -10.76 -12.20 17.67
N GLY B 23 -11.95 -11.69 17.96
CA GLY B 23 -12.44 -11.63 19.33
C GLY B 23 -11.62 -10.75 20.26
N LEU B 24 -11.10 -9.64 19.73
CA LEU B 24 -10.25 -8.74 20.48
C LEU B 24 -11.02 -7.50 20.88
N GLU B 25 -10.78 -7.04 22.10
CA GLU B 25 -11.42 -5.86 22.65
C GLU B 25 -10.58 -4.61 22.35
N LEU B 26 -11.23 -3.60 21.76
CA LEU B 26 -10.57 -2.33 21.53
C LEU B 26 -11.08 -1.29 22.48
N ASN B 27 -10.15 -0.57 23.08
CA ASN B 27 -10.44 0.58 23.89
C ASN B 27 -10.45 1.78 22.97
N LYS B 28 -11.64 2.20 22.54
CA LYS B 28 -11.77 3.23 21.50
C LYS B 28 -11.54 4.65 22.01
N LYS B 29 -10.62 5.34 21.34
CA LYS B 29 -10.28 6.73 21.67
C LYS B 29 -10.56 7.58 20.42
N LEU B 30 -11.71 8.23 20.39
CA LEU B 30 -12.16 8.99 19.23
C LEU B 30 -11.35 10.25 19.10
N LEU B 31 -10.59 10.40 18.01
CA LEU B 31 -9.83 11.62 17.74
C LEU B 31 -10.45 12.34 16.57
N ASN B 32 -11.11 13.44 16.86
CA ASN B 32 -11.73 14.20 15.78
C ASN B 32 -10.70 14.99 14.95
N THR B 33 -10.33 14.46 13.79
CA THR B 33 -9.34 15.09 12.92
C THR B 33 -9.88 16.38 12.26
N MET B 34 -11.20 16.58 12.28
CA MET B 34 -11.78 17.83 11.80
C MET B 34 -11.48 18.97 12.78
N GLU B 35 -11.19 18.61 14.02
CA GLU B 35 -10.82 19.56 15.08
C GLU B 35 -9.35 19.42 15.53
N GLY B 36 -8.52 18.84 14.68
CA GLY B 36 -7.10 18.74 14.95
C GLY B 36 -6.70 18.04 16.25
N GLU B 37 -7.56 17.17 16.74
CA GLU B 37 -7.26 16.48 17.99
C GLU B 37 -6.09 15.51 17.85
N GLN B 38 -5.75 15.17 16.60
CA GLN B 38 -4.69 14.21 16.36
C GLN B 38 -3.32 14.86 16.55
N LEU B 39 -3.32 16.17 16.83
CA LEU B 39 -2.06 16.89 17.03
C LEU B 39 -1.67 17.07 18.50
N LYS B 40 -2.48 16.54 19.42
CA LYS B 40 -2.11 16.52 20.83
C LYS B 40 -0.76 15.87 21.04
N PRO B 41 0.10 16.50 21.85
CA PRO B 41 1.47 15.96 21.95
C PRO B 41 1.51 14.52 22.46
N GLU B 42 0.53 14.13 23.28
CA GLU B 42 0.52 12.78 23.81
C GLU B 42 0.29 11.79 22.66
N PHE B 43 -0.56 12.13 21.69
CA PHE B 43 -0.76 11.25 20.55
C PHE B 43 0.42 11.27 19.59
N VAL B 44 1.03 12.44 19.40
CA VAL B 44 2.13 12.55 18.47
C VAL B 44 3.33 11.76 18.96
N LYS B 45 3.48 11.67 20.27
CA LYS B 45 4.54 10.83 20.84
C LYS B 45 4.35 9.34 20.48
N LEU B 46 3.10 8.91 20.37
CA LEU B 46 2.80 7.53 19.98
C LEU B 46 2.93 7.28 18.48
N ASN B 47 2.47 8.26 17.70
CA ASN B 47 2.51 8.17 16.23
C ASN B 47 2.98 9.53 15.69
N PRO B 48 4.24 9.63 15.26
CA PRO B 48 4.75 10.92 14.83
C PRO B 48 4.12 11.43 13.54
N GLN B 49 3.51 10.53 12.78
CA GLN B 49 2.76 10.92 11.57
C GLN B 49 1.35 11.41 11.94
N HIS B 50 0.97 11.20 13.20
CA HIS B 50 -0.33 11.60 13.75
C HIS B 50 -1.51 11.37 12.77
N THR B 51 -1.62 10.12 12.34
CA THR B 51 -2.69 9.66 11.49
C THR B 51 -3.56 8.66 12.24
N ILE B 52 -4.80 8.52 11.79
CA ILE B 52 -5.70 7.50 12.32
C ILE B 52 -6.11 6.58 11.17
N PRO B 53 -6.31 5.29 11.46
CA PRO B 53 -6.20 4.66 12.78
C PRO B 53 -4.76 4.47 13.26
N THR B 54 -4.64 4.46 14.59
CA THR B 54 -3.42 4.05 15.30
C THR B 54 -3.83 3.08 16.40
N LEU B 55 -3.10 1.98 16.54
CA LEU B 55 -3.40 1.01 17.57
C LEU B 55 -2.18 0.99 18.52
N VAL B 56 -2.45 0.97 19.80
CA VAL B 56 -1.35 0.85 20.77
C VAL B 56 -1.64 -0.42 21.55
N ASP B 57 -0.69 -1.35 21.47
CA ASP B 57 -0.89 -2.71 21.96
C ASP B 57 0.22 -3.00 22.95
N ASN B 58 -0.04 -2.71 24.21
CA ASN B 58 0.97 -2.90 25.25
C ASN B 58 2.31 -2.29 24.89
N GLY B 59 2.30 -0.98 24.67
CA GLY B 59 3.53 -0.27 24.38
C GLY B 59 3.90 -0.22 22.90
N PHE B 60 3.31 -1.09 22.09
CA PHE B 60 3.61 -1.13 20.65
C PHE B 60 2.62 -0.27 19.87
N SER B 61 3.13 0.79 19.23
CA SER B 61 2.31 1.67 18.39
CA SER B 61 2.29 1.66 18.40
C SER B 61 2.45 1.29 16.93
N ILE B 62 1.31 1.16 16.26
CA ILE B 62 1.33 0.81 14.84
C ILE B 62 0.18 1.59 14.17
N TRP B 63 0.44 2.04 12.95
CA TRP B 63 -0.56 2.74 12.16
C TRP B 63 -0.46 2.30 10.71
N GLU B 64 -1.26 2.95 9.85
CA GLU B 64 -1.68 2.42 8.54
C GLU B 64 -2.67 1.24 8.76
N SER B 65 -3.94 1.47 8.40
CA SER B 65 -5.02 0.51 8.67
C SER B 65 -4.66 -0.90 8.25
N ARG B 66 -4.05 -1.05 7.08
CA ARG B 66 -3.82 -2.39 6.56
C ARG B 66 -2.64 -3.10 7.22
N ALA B 67 -1.72 -2.30 7.74
CA ALA B 67 -0.60 -2.78 8.54
C ALA B 67 -1.16 -3.22 9.91
N ILE B 68 -2.01 -2.40 10.50
CA ILE B 68 -2.64 -2.78 11.78
C ILE B 68 -3.39 -4.09 11.64
N ALA B 69 -4.18 -4.18 10.58
CA ALA B 69 -5.03 -5.34 10.37
C ALA B 69 -4.17 -6.60 10.28
N VAL B 70 -3.10 -6.55 9.49
CA VAL B 70 -2.23 -7.71 9.32
C VAL B 70 -1.50 -8.04 10.62
N TYR B 71 -1.10 -7.03 11.39
CA TYR B 71 -0.43 -7.24 12.68
C TYR B 71 -1.32 -7.99 13.66
N LEU B 72 -2.58 -7.57 13.77
CA LEU B 72 -3.48 -8.22 14.71
C LEU B 72 -3.67 -9.67 14.32
N VAL B 73 -3.82 -9.93 13.03
CA VAL B 73 -3.97 -11.32 12.60
C VAL B 73 -2.69 -12.13 12.85
N GLU B 74 -1.54 -11.56 12.56
CA GLU B 74 -0.26 -12.28 12.71
C GLU B 74 0.07 -12.56 14.18
N LYS B 75 -0.39 -11.68 15.07
CA LYS B 75 -0.13 -11.78 16.50
C LYS B 75 -1.18 -12.63 17.22
N TYR B 76 -2.46 -12.52 16.83
CA TYR B 76 -3.56 -13.10 17.62
C TYR B 76 -4.43 -14.12 16.89
N GLY B 77 -4.21 -14.30 15.60
CA GLY B 77 -5.02 -15.19 14.81
C GLY B 77 -4.63 -16.64 15.07
N LYS B 78 -5.63 -17.49 15.25
CA LYS B 78 -5.40 -18.91 15.48
C LYS B 78 -5.40 -19.64 14.15
N ASP B 79 -4.51 -20.62 14.01
CA ASP B 79 -4.43 -21.41 12.79
C ASP B 79 -4.08 -20.48 11.62
N ASP B 80 -4.75 -20.68 10.48
CA ASP B 80 -4.54 -19.84 9.31
C ASP B 80 -5.70 -18.86 9.16
N TYR B 81 -6.28 -18.42 10.27
CA TYR B 81 -7.50 -17.62 10.19
C TYR B 81 -7.15 -16.24 9.60
N LEU B 82 -7.85 -15.90 8.52
CA LEU B 82 -7.75 -14.58 7.84
C LEU B 82 -6.43 -14.31 7.11
N LEU B 83 -5.43 -15.14 7.35
CA LEU B 83 -4.10 -14.96 6.76
C LEU B 83 -3.30 -16.28 6.80
N PRO B 84 -3.02 -16.90 5.65
CA PRO B 84 -2.20 -18.12 5.64
C PRO B 84 -0.70 -17.91 5.78
N ASN B 85 0.03 -19.01 5.93
CA ASN B 85 1.47 -18.99 6.10
C ASN B 85 2.23 -19.01 4.77
N ASP B 86 1.53 -19.34 3.70
CA ASP B 86 2.16 -19.60 2.42
C ASP B 86 2.58 -18.30 1.72
N PRO B 87 3.86 -18.19 1.30
CA PRO B 87 4.24 -16.92 0.67
C PRO B 87 3.39 -16.53 -0.57
N LYS B 88 3.04 -17.51 -1.39
CA LYS B 88 2.25 -17.27 -2.60
C LYS B 88 0.84 -16.75 -2.30
N LYS B 89 0.13 -17.44 -1.41
CA LYS B 89 -1.19 -17.01 -1.04
C LYS B 89 -1.17 -15.67 -0.30
N ARG B 90 -0.16 -15.51 0.54
N ARG B 90 -0.16 -15.50 0.54
CA ARG B 90 0.06 -14.24 1.24
CA ARG B 90 0.02 -14.24 1.24
C ARG B 90 0.29 -13.12 0.25
C ARG B 90 0.31 -13.11 0.26
N ALA B 91 1.04 -13.41 -0.82
CA ALA B 91 1.35 -12.37 -1.81
C ALA B 91 0.07 -11.86 -2.48
N VAL B 92 -0.85 -12.75 -2.80
CA VAL B 92 -2.10 -12.30 -3.43
C VAL B 92 -2.85 -11.40 -2.49
N ILE B 93 -2.92 -11.80 -1.22
CA ILE B 93 -3.56 -10.98 -0.20
C ILE B 93 -2.89 -9.61 -0.12
N ASN B 94 -1.56 -9.57 -0.13
CA ASN B 94 -0.85 -8.29 -0.06
C ASN B 94 -1.15 -7.45 -1.30
N GLN B 95 -1.15 -8.05 -2.49
CA GLN B 95 -1.47 -7.29 -3.73
C GLN B 95 -2.90 -6.72 -3.64
N ARG B 96 -3.86 -7.50 -3.14
CA ARG B 96 -5.21 -6.96 -2.98
C ARG B 96 -5.25 -5.82 -1.97
N LEU B 97 -4.41 -5.89 -0.93
CA LEU B 97 -4.38 -4.78 0.01
C LEU B 97 -3.83 -3.51 -0.63
N TYR B 98 -2.80 -3.64 -1.46
CA TYR B 98 -2.29 -2.43 -2.15
C TYR B 98 -3.31 -1.94 -3.21
N PHE B 99 -3.98 -2.87 -3.88
CA PHE B 99 -5.11 -2.54 -4.73
C PHE B 99 -6.13 -1.68 -3.98
N ASP B 100 -6.52 -2.17 -2.82
CA ASP B 100 -7.53 -1.47 -2.03
C ASP B 100 -7.10 -0.06 -1.72
N MET B 101 -5.83 0.14 -1.31
CA MET B 101 -5.40 1.49 -1.02
CA MET B 101 -5.34 1.49 -1.02
C MET B 101 -5.20 2.35 -2.26
N GLY B 102 -4.49 1.83 -3.26
CA GLY B 102 -3.94 2.65 -4.31
C GLY B 102 -4.84 2.79 -5.54
N THR B 103 -5.81 1.88 -5.65
CA THR B 103 -6.69 1.85 -6.81
C THR B 103 -8.16 2.02 -6.40
N LEU B 104 -8.69 1.12 -5.58
CA LEU B 104 -10.09 1.11 -5.28
C LEU B 104 -10.47 2.25 -4.32
N TYR B 105 -9.86 2.31 -3.13
CA TYR B 105 -10.18 3.41 -2.24
C TYR B 105 -9.72 4.71 -2.84
N GLU B 106 -8.61 4.68 -3.57
CA GLU B 106 -8.08 5.92 -4.13
C GLU B 106 -9.14 6.55 -5.05
N SER B 107 -9.84 5.71 -5.81
CA SER B 107 -10.87 6.20 -6.75
C SER B 107 -12.05 6.80 -5.98
N PHE B 108 -12.32 6.28 -4.79
CA PHE B 108 -13.36 6.82 -3.94
C PHE B 108 -12.95 8.24 -3.56
N ALA B 109 -11.72 8.37 -3.05
CA ALA B 109 -11.27 9.66 -2.55
C ALA B 109 -11.29 10.71 -3.65
N LYS B 110 -10.80 10.35 -4.83
CA LYS B 110 -10.71 11.28 -5.95
C LYS B 110 -12.06 11.81 -6.42
N TYR B 111 -13.11 10.98 -6.30
CA TYR B 111 -14.43 11.36 -6.78
C TYR B 111 -15.33 11.99 -5.69
N TYR B 112 -15.21 11.54 -4.44
CA TYR B 112 -16.13 12.02 -3.40
C TYR B 112 -15.52 13.06 -2.43
N TYR B 113 -14.20 13.15 -2.35
CA TYR B 113 -13.60 14.11 -1.40
C TYR B 113 -13.68 15.56 -1.89
N PRO B 114 -13.75 15.77 -3.21
CA PRO B 114 -14.09 17.14 -3.63
C PRO B 114 -15.61 17.44 -3.47
N LEU B 115 -16.23 16.87 -2.44
CA LEU B 115 -17.65 17.10 -2.16
C LEU B 115 -17.91 18.57 -1.88
N GLY B 122 -16.99 16.46 -8.55
CA GLY B 122 -16.44 15.19 -9.01
C GLY B 122 -16.65 14.99 -10.50
N SER B 123 -15.55 14.84 -11.25
CA SER B 123 -15.62 14.78 -12.72
C SER B 123 -16.02 13.41 -13.27
N ASP B 124 -16.47 13.42 -14.53
CA ASP B 124 -16.74 12.19 -15.27
C ASP B 124 -15.51 11.29 -15.33
N GLU B 125 -14.33 11.90 -15.49
CA GLU B 125 -13.09 11.14 -15.56
C GLU B 125 -12.87 10.34 -14.25
N ASP B 126 -13.07 10.98 -13.12
CA ASP B 126 -12.88 10.29 -11.84
C ASP B 126 -13.98 9.23 -11.62
N LEU B 127 -15.19 9.49 -12.10
CA LEU B 127 -16.24 8.46 -12.07
C LEU B 127 -15.81 7.26 -12.92
N LYS B 128 -15.22 7.52 -14.09
CA LYS B 128 -14.70 6.43 -14.90
C LYS B 128 -13.64 5.65 -14.11
N ARG B 129 -12.84 6.37 -13.33
CA ARG B 129 -11.77 5.69 -12.58
C ARG B 129 -12.37 4.68 -11.60
N ILE B 130 -13.48 5.04 -10.96
CA ILE B 130 -14.19 4.09 -10.10
C ILE B 130 -14.66 2.87 -10.87
N GLU B 131 -15.35 3.10 -11.99
CA GLU B 131 -15.82 1.99 -12.79
C GLU B 131 -14.68 1.02 -13.19
N THR B 132 -13.56 1.61 -13.57
CA THR B 132 -12.40 0.83 -13.95
C THR B 132 -11.90 -0.06 -12.78
N ALA B 133 -11.82 0.54 -11.60
CA ALA B 133 -11.42 -0.18 -10.39
C ALA B 133 -12.38 -1.36 -10.07
N PHE B 134 -13.68 -1.10 -10.17
CA PHE B 134 -14.66 -2.14 -9.89
C PHE B 134 -14.58 -3.27 -10.91
N GLY B 135 -14.28 -2.95 -12.17
CA GLY B 135 -14.08 -3.98 -13.17
C GLY B 135 -12.91 -4.91 -12.85
N PHE B 136 -11.80 -4.34 -12.39
CA PHE B 136 -10.68 -5.15 -11.95
C PHE B 136 -11.12 -6.06 -10.80
N LEU B 137 -11.78 -5.49 -9.78
CA LEU B 137 -12.23 -6.29 -8.66
C LEU B 137 -13.15 -7.41 -9.09
N ASP B 138 -14.02 -7.12 -10.06
CA ASP B 138 -14.93 -8.12 -10.57
C ASP B 138 -14.15 -9.29 -11.21
N THR B 139 -13.13 -8.97 -11.98
CA THR B 139 -12.29 -10.02 -12.55
C THR B 139 -11.54 -10.80 -11.46
N PHE B 140 -11.05 -10.10 -10.46
CA PHE B 140 -10.35 -10.75 -9.36
C PHE B 140 -11.21 -11.84 -8.73
N LEU B 141 -12.52 -11.58 -8.66
CA LEU B 141 -13.48 -12.47 -8.02
C LEU B 141 -14.05 -13.57 -8.93
N GLU B 142 -13.59 -13.66 -10.18
CA GLU B 142 -14.06 -14.70 -11.08
C GLU B 142 -13.75 -16.10 -10.53
N GLY B 143 -14.80 -16.91 -10.38
CA GLY B 143 -14.63 -18.30 -9.96
C GLY B 143 -14.19 -18.55 -8.54
N GLN B 144 -14.27 -17.54 -7.67
CA GLN B 144 -13.98 -17.76 -6.25
C GLN B 144 -14.83 -16.87 -5.38
N GLU B 145 -15.00 -17.29 -4.13
CA GLU B 145 -15.93 -16.64 -3.24
C GLU B 145 -15.34 -15.41 -2.55
N TYR B 146 -14.01 -15.35 -2.47
CA TYR B 146 -13.36 -14.25 -1.77
C TYR B 146 -12.29 -13.60 -2.66
N VAL B 147 -11.81 -12.41 -2.27
CA VAL B 147 -11.00 -11.63 -3.22
C VAL B 147 -9.67 -12.24 -3.58
N ALA B 148 -9.09 -13.05 -2.68
CA ALA B 148 -7.75 -13.59 -2.89
C ALA B 148 -7.73 -15.10 -2.81
N GLY B 149 -8.90 -15.72 -2.88
CA GLY B 149 -8.93 -17.16 -2.74
C GLY B 149 -10.27 -17.68 -2.27
N ASP B 150 -10.21 -18.80 -1.55
CA ASP B 150 -11.39 -19.56 -1.17
C ASP B 150 -11.86 -19.36 0.28
N GLN B 151 -11.22 -18.47 1.03
CA GLN B 151 -11.67 -18.22 2.40
C GLN B 151 -11.52 -16.74 2.70
N LEU B 152 -12.34 -16.25 3.62
CA LEU B 152 -12.24 -14.86 4.07
C LEU B 152 -10.83 -14.52 4.53
N THR B 153 -10.30 -13.41 4.06
CA THR B 153 -9.02 -12.94 4.52
C THR B 153 -9.07 -11.47 4.89
N VAL B 154 -7.98 -10.98 5.42
CA VAL B 154 -7.90 -9.56 5.78
CA VAL B 154 -7.82 -9.55 5.76
C VAL B 154 -8.12 -8.70 4.53
N ALA B 155 -7.72 -9.20 3.38
CA ALA B 155 -7.99 -8.48 2.14
C ALA B 155 -9.48 -8.34 1.89
N ASP B 156 -10.28 -9.36 2.19
CA ASP B 156 -11.74 -9.24 2.05
C ASP B 156 -12.29 -8.18 2.95
N ILE B 157 -11.76 -8.09 4.15
CA ILE B 157 -12.32 -7.19 5.14
C ILE B 157 -12.01 -5.76 4.77
N ALA B 158 -10.77 -5.52 4.35
CA ALA B 158 -10.36 -4.20 3.89
C ALA B 158 -11.21 -3.76 2.70
N ILE B 159 -11.34 -4.64 1.70
CA ILE B 159 -12.09 -4.28 0.50
C ILE B 159 -13.59 -4.14 0.81
N LEU B 160 -14.12 -4.93 1.74
CA LEU B 160 -15.49 -4.70 2.21
C LEU B 160 -15.67 -3.33 2.81
N SER B 161 -14.71 -2.93 3.63
CA SER B 161 -14.79 -1.58 4.18
C SER B 161 -14.92 -0.55 3.06
N THR B 162 -14.12 -0.70 2.02
CA THR B 162 -14.15 0.22 0.89
C THR B 162 -15.43 0.13 0.06
N VAL B 163 -15.81 -1.09 -0.30
CA VAL B 163 -16.97 -1.25 -1.17
C VAL B 163 -18.25 -0.84 -0.42
N SER B 164 -18.34 -1.10 0.87
CA SER B 164 -19.52 -0.66 1.63
C SER B 164 -19.59 0.89 1.66
N THR B 165 -18.44 1.56 1.65
CA THR B 165 -18.40 3.02 1.56
C THR B 165 -19.03 3.46 0.22
N PHE B 166 -18.61 2.81 -0.87
CA PHE B 166 -19.23 3.05 -2.17
C PHE B 166 -20.75 2.78 -2.13
N GLU B 167 -21.17 1.70 -1.48
CA GLU B 167 -22.61 1.39 -1.46
C GLU B 167 -23.34 2.53 -0.81
N VAL B 168 -22.89 2.95 0.36
CA VAL B 168 -23.57 4.04 1.06
C VAL B 168 -23.49 5.38 0.36
N SER B 169 -22.48 5.60 -0.47
CA SER B 169 -22.36 6.80 -1.28
C SER B 169 -23.17 6.70 -2.57
N GLU B 170 -23.83 5.55 -2.72
CA GLU B 170 -24.73 5.24 -3.83
C GLU B 170 -24.06 5.05 -5.19
N PHE B 171 -22.80 4.63 -5.19
CA PHE B 171 -22.23 4.15 -6.44
C PHE B 171 -22.86 2.80 -6.74
N ASP B 172 -23.36 2.66 -7.97
CA ASP B 172 -24.12 1.51 -8.41
C ASP B 172 -23.17 0.49 -9.00
N PHE B 173 -22.92 -0.60 -8.28
CA PHE B 173 -22.03 -1.62 -8.80
C PHE B 173 -22.80 -2.90 -9.13
N SER B 174 -24.09 -2.77 -9.39
CA SER B 174 -24.95 -3.93 -9.62
C SER B 174 -24.60 -4.67 -10.92
N LYS B 175 -24.04 -3.94 -11.89
CA LYS B 175 -23.57 -4.52 -13.15
C LYS B 175 -22.27 -5.31 -12.99
N TYR B 176 -21.65 -5.23 -11.82
CA TYR B 176 -20.46 -6.03 -11.55
C TYR B 176 -20.93 -7.27 -10.81
N SER B 177 -21.21 -8.32 -11.57
CA SER B 177 -21.89 -9.50 -11.04
C SER B 177 -21.11 -10.20 -9.95
N ASN B 178 -19.81 -10.37 -10.14
CA ASN B 178 -18.99 -10.99 -9.14
C ASN B 178 -18.89 -10.11 -7.89
N VAL B 179 -18.74 -8.79 -8.07
CA VAL B 179 -18.58 -7.93 -6.91
C VAL B 179 -19.87 -7.96 -6.09
N SER B 180 -21.00 -7.88 -6.78
CA SER B 180 -22.28 -7.89 -6.09
C SER B 180 -22.50 -9.19 -5.33
N ARG B 181 -22.22 -10.34 -5.95
CA ARG B 181 -22.32 -11.62 -5.27
C ARG B 181 -21.36 -11.74 -4.05
N TRP B 182 -20.13 -11.24 -4.19
CA TRP B 182 -19.14 -11.28 -3.13
C TRP B 182 -19.60 -10.40 -1.96
N TYR B 183 -20.19 -9.28 -2.31
CA TYR B 183 -20.54 -8.27 -1.31
C TYR B 183 -21.64 -8.82 -0.41
N ASP B 184 -22.66 -9.45 -1.00
CA ASP B 184 -23.75 -10.01 -0.20
C ASP B 184 -23.26 -11.07 0.75
N ASN B 185 -22.38 -11.93 0.28
CA ASN B 185 -21.80 -12.93 1.14
C ASN B 185 -20.95 -12.32 2.24
N ALA B 186 -20.08 -11.38 1.86
CA ALA B 186 -19.14 -10.80 2.81
C ALA B 186 -19.85 -10.12 3.96
N LYS B 187 -20.93 -9.43 3.65
CA LYS B 187 -21.80 -8.81 4.66
C LYS B 187 -22.33 -9.76 5.72
N LYS B 188 -22.63 -11.00 5.31
CA LYS B 188 -23.23 -11.97 6.22
C LYS B 188 -22.20 -12.67 7.11
N VAL B 189 -21.02 -12.94 6.54
CA VAL B 189 -20.00 -13.75 7.19
CA VAL B 189 -20.01 -13.76 7.18
C VAL B 189 -18.93 -12.94 7.89
N THR B 190 -18.79 -11.66 7.55
CA THR B 190 -17.70 -10.88 8.15
C THR B 190 -18.06 -10.36 9.55
N PRO B 191 -17.28 -10.79 10.55
CA PRO B 191 -17.58 -10.24 11.89
C PRO B 191 -17.52 -8.71 11.89
N GLY B 192 -18.41 -8.08 12.66
CA GLY B 192 -18.29 -6.66 12.91
C GLY B 192 -18.94 -5.79 11.86
N TRP B 193 -19.65 -6.41 10.93
CA TRP B 193 -20.39 -5.70 9.93
C TRP B 193 -21.35 -4.68 10.58
N ASP B 194 -21.94 -5.02 11.72
CA ASP B 194 -22.92 -4.11 12.31
C ASP B 194 -22.26 -2.80 12.70
N GLU B 195 -21.03 -2.86 13.19
CA GLU B 195 -20.31 -1.67 13.58
C GLU B 195 -19.74 -0.93 12.38
N ASN B 196 -19.37 -1.65 11.33
CA ASN B 196 -19.07 -1.02 10.04
C ASN B 196 -20.25 -0.19 9.54
N TRP B 197 -21.44 -0.78 9.58
CA TRP B 197 -22.63 -0.15 9.07
C TRP B 197 -22.99 1.08 9.88
N GLU B 198 -22.87 0.99 11.21
CA GLU B 198 -23.07 2.13 12.08
C GLU B 198 -22.16 3.30 11.75
N GLY B 199 -20.89 3.00 11.52
CA GLY B 199 -19.97 4.06 11.21
C GLY B 199 -20.32 4.70 9.85
N LEU B 200 -20.70 3.87 8.90
CA LEU B 200 -21.13 4.36 7.60
C LEU B 200 -22.38 5.21 7.69
N MET B 201 -23.33 4.78 8.50
CA MET B 201 -24.65 5.43 8.59
C MET B 201 -24.54 6.81 9.13
N ALA B 202 -23.65 7.01 10.05
CA ALA B 202 -23.43 8.35 10.58
C ALA B 202 -22.74 9.19 9.52
N MET B 203 -21.78 8.58 8.83
CA MET B 203 -21.02 9.26 7.77
C MET B 203 -21.97 9.73 6.67
N LYS B 204 -22.98 8.91 6.38
CA LYS B 204 -24.03 9.28 5.42
C LYS B 204 -24.91 10.39 5.96
N ALA B 205 -25.47 10.18 7.16
CA ALA B 205 -26.28 11.20 7.82
C ALA B 205 -25.49 12.51 7.95
N LEU B 206 -24.17 12.41 8.09
CA LEU B 206 -23.29 13.59 8.14
C LEU B 206 -23.41 14.40 6.87
N PHE B 207 -23.07 13.77 5.74
CA PHE B 207 -23.04 14.45 4.45
C PHE B 207 -24.45 14.77 3.97
N ASP B 208 -25.40 13.89 4.28
CA ASP B 208 -26.78 14.04 3.86
C ASP B 208 -27.36 15.37 4.32
NA NA C . -3.14 5.17 9.95
K K D . -20.16 2.01 17.70
#